data_1VZY
#
_entry.id   1VZY
#
_cell.length_a   115.292
_cell.length_b   115.292
_cell.length_c   106.441
_cell.angle_alpha   90.00
_cell.angle_beta   90.00
_cell.angle_gamma   120.00
#
_symmetry.space_group_name_H-M   'P 31 2 1'
#
loop_
_entity.id
_entity.type
_entity.pdbx_description
1 polymer '33 KDA CHAPERONIN'
2 non-polymer 'ZINC ION'
3 non-polymer 'ACETATE ION'
4 water water
#
_entity_poly.entity_id   1
_entity_poly.type   'polypeptide(L)'
_entity_poly.pdbx_seq_one_letter_code
;MDYLVKALAYDGKVRAYAARTTDMVNEGQRRHGTWPTASAALGRTMTASLMLGAMLKGDDKLTVKIEGGGPIGAIVADAN
AKGEVRAYVSNPQVHFDLNAAGKLDVRRAVGTNGTLSVVKDLGLREFFTGQVEIVSGELGDDFTYYLVSSEQVPSSVGVG
VLVNPDNTILAAGGFIIQLMPGTDDETITKIEQRLSQVEPISKLIQKGLTPEEILEEVLGEKPEILETMPVRFHCPCSKE
RFETAILGLGKKEIQDMIEEDGQAEAVCHFCNEKYLFTKEELEGLRDQTTR
;
_entity_poly.pdbx_strand_id   A,B
#
loop_
_chem_comp.id
_chem_comp.type
_chem_comp.name
_chem_comp.formula
ACT non-polymer 'ACETATE ION' 'C2 H3 O2 -1'
ZN non-polymer 'ZINC ION' 'Zn 2'
#
# COMPACT_ATOMS: atom_id res chain seq x y z
N MET A 1 13.25 2.72 -29.14
CA MET A 1 12.56 4.00 -29.36
C MET A 1 11.27 4.18 -28.42
N ASP A 2 10.56 3.11 -27.99
CA ASP A 2 9.71 3.30 -26.80
C ASP A 2 10.74 3.45 -25.64
N TYR A 3 10.49 4.29 -24.64
CA TYR A 3 11.25 4.29 -23.41
C TYR A 3 10.58 5.13 -22.35
N LEU A 4 11.16 5.04 -21.16
CA LEU A 4 10.65 5.73 -20.00
C LEU A 4 11.74 6.49 -19.29
N VAL A 5 11.37 7.61 -18.72
CA VAL A 5 12.29 8.35 -17.88
C VAL A 5 11.74 8.58 -16.49
N LYS A 6 12.68 8.69 -15.56
CA LYS A 6 12.46 9.06 -14.19
C LYS A 6 13.08 10.42 -14.01
N ALA A 7 12.39 11.28 -13.29
CA ALA A 7 12.84 12.69 -13.20
C ALA A 7 12.51 13.37 -11.93
N LEU A 8 13.27 14.44 -11.61
CA LEU A 8 12.86 15.38 -10.54
C LEU A 8 12.67 16.71 -11.21
N ALA A 9 11.97 17.63 -10.54
CA ALA A 9 11.94 18.99 -10.98
C ALA A 9 11.71 19.93 -9.80
N TYR A 10 11.80 21.22 -10.06
CA TYR A 10 11.71 22.27 -9.01
C TYR A 10 12.52 21.96 -7.75
N ASP A 11 13.83 21.78 -7.92
CA ASP A 11 14.76 21.50 -6.84
C ASP A 11 14.37 20.28 -6.03
N GLY A 12 13.96 19.21 -6.71
CA GLY A 12 13.57 17.98 -6.03
C GLY A 12 12.22 17.94 -5.32
N LYS A 13 11.41 18.98 -5.38
CA LYS A 13 10.06 18.99 -4.81
C LYS A 13 9.01 18.27 -5.72
N VAL A 14 9.32 18.10 -7.02
CA VAL A 14 8.44 17.36 -7.95
C VAL A 14 9.13 16.06 -8.33
N ARG A 15 8.44 14.95 -8.20
CA ARG A 15 8.95 13.69 -8.73
C ARG A 15 8.09 13.32 -9.94
N ALA A 16 8.73 12.90 -11.05
CA ALA A 16 8.03 12.67 -12.26
C ALA A 16 8.48 11.47 -13.04
N TYR A 17 7.55 10.95 -13.86
CA TYR A 17 7.82 9.84 -14.78
C TYR A 17 7.11 10.13 -16.09
N ALA A 18 7.71 9.66 -17.18
CA ALA A 18 7.10 9.75 -18.49
C ALA A 18 7.58 8.67 -19.38
N ALA A 19 6.69 8.26 -20.28
CA ALA A 19 7.00 7.17 -21.18
C ALA A 19 6.33 7.31 -22.52
N ARG A 20 6.98 6.76 -23.54
CA ARG A 20 6.40 6.58 -24.87
C ARG A 20 6.33 5.11 -25.05
N THR A 21 5.11 4.64 -25.28
CA THR A 21 4.74 3.25 -25.26
C THR A 21 3.97 2.83 -26.53
N THR A 22 4.05 3.64 -27.53
CA THR A 22 3.46 3.28 -28.83
C THR A 22 3.68 1.86 -29.29
N ASP A 23 4.92 1.43 -29.32
CA ASP A 23 5.26 0.13 -29.80
C ASP A 23 4.73 -0.99 -28.87
N MET A 24 4.82 -0.82 -27.55
CA MET A 24 4.38 -1.89 -26.70
C MET A 24 2.87 -2.02 -26.73
N VAL A 25 2.15 -0.91 -26.83
CA VAL A 25 0.68 -0.93 -26.90
C VAL A 25 0.23 -1.54 -28.28
N ASN A 26 1.00 -1.23 -29.32
CA ASN A 26 0.78 -1.86 -30.58
C ASN A 26 0.95 -3.33 -30.52
N GLU A 27 1.95 -3.83 -29.81
CA GLU A 27 2.14 -5.28 -29.63
C GLU A 27 0.93 -5.91 -28.88
N GLY A 28 0.46 -5.24 -27.83
CA GLY A 28 -0.70 -5.73 -27.13
C GLY A 28 -1.96 -5.81 -28.02
N GLN A 29 -2.17 -4.78 -28.81
CA GLN A 29 -3.31 -4.67 -29.79
C GLN A 29 -3.23 -5.79 -30.74
N ARG A 30 -2.01 -6.03 -31.24
CA ARG A 30 -1.86 -7.09 -32.17
C ARG A 30 -2.00 -8.43 -31.67
N ARG A 31 -1.49 -8.65 -30.46
CA ARG A 31 -1.57 -9.95 -29.88
C ARG A 31 -3.03 -10.29 -29.61
N HIS A 32 -3.72 -9.37 -28.98
CA HIS A 32 -5.07 -9.68 -28.50
C HIS A 32 -6.20 -9.36 -29.49
N GLY A 33 -5.87 -8.62 -30.54
CA GLY A 33 -6.84 -8.21 -31.53
C GLY A 33 -7.91 -7.31 -30.93
N THR A 34 -7.52 -6.39 -30.05
CA THR A 34 -8.44 -5.42 -29.55
C THR A 34 -9.03 -4.50 -30.59
N TRP A 35 -10.33 -4.17 -30.40
CA TRP A 35 -10.99 -3.13 -31.15
C TRP A 35 -10.72 -1.77 -30.55
N PRO A 36 -10.97 -0.66 -31.27
CA PRO A 36 -10.40 0.63 -30.82
C PRO A 36 -10.61 1.01 -29.38
N THR A 37 -11.87 0.96 -28.91
CA THR A 37 -12.16 1.33 -27.54
C THR A 37 -11.38 0.48 -26.49
N ALA A 38 -11.28 -0.79 -26.77
CA ALA A 38 -10.57 -1.72 -25.92
C ALA A 38 -9.04 -1.53 -25.96
N SER A 39 -8.51 -1.13 -27.10
CA SER A 39 -7.10 -0.74 -27.23
C SER A 39 -6.75 0.46 -26.39
N ALA A 40 -7.68 1.42 -26.33
CA ALA A 40 -7.48 2.58 -25.57
C ALA A 40 -7.49 2.19 -24.07
N ALA A 41 -8.44 1.35 -23.68
CA ALA A 41 -8.49 0.93 -22.26
C ALA A 41 -7.25 0.11 -21.90
N LEU A 42 -6.93 -0.86 -22.75
CA LEU A 42 -5.74 -1.67 -22.57
C LEU A 42 -4.43 -0.82 -22.52
N GLY A 43 -4.28 0.12 -23.44
CA GLY A 43 -3.03 0.83 -23.58
C GLY A 43 -2.86 1.90 -22.48
N ARG A 44 -3.96 2.51 -22.06
CA ARG A 44 -3.93 3.37 -20.93
C ARG A 44 -3.48 2.65 -19.66
N THR A 45 -4.01 1.46 -19.50
CA THR A 45 -3.73 0.63 -18.34
C THR A 45 -2.24 0.20 -18.38
N MET A 46 -1.80 -0.30 -19.53
CA MET A 46 -0.41 -0.68 -19.72
C MET A 46 0.58 0.43 -19.41
N THR A 47 0.29 1.61 -19.89
CA THR A 47 1.22 2.72 -19.72
C THR A 47 1.27 3.17 -18.29
N ALA A 48 0.11 3.31 -17.64
CA ALA A 48 0.02 3.62 -16.21
C ALA A 48 0.74 2.55 -15.38
N SER A 49 0.54 1.27 -15.68
CA SER A 49 1.18 0.20 -14.98
C SER A 49 2.73 0.21 -15.09
N LEU A 50 3.23 0.43 -16.31
CA LEU A 50 4.63 0.56 -16.59
C LEU A 50 5.22 1.66 -15.68
N MET A 51 4.57 2.80 -15.59
CA MET A 51 5.09 3.89 -14.80
C MET A 51 5.07 3.60 -13.29
N LEU A 52 4.01 2.94 -12.81
CA LEU A 52 4.01 2.45 -11.42
C LEU A 52 5.15 1.47 -11.18
N GLY A 53 5.34 0.60 -12.14
CA GLY A 53 6.43 -0.34 -12.11
C GLY A 53 7.80 0.26 -12.00
N ALA A 54 7.97 1.39 -12.69
CA ALA A 54 9.19 2.18 -12.63
C ALA A 54 9.50 2.78 -11.24
N MET A 55 8.51 2.81 -10.36
CA MET A 55 8.72 3.27 -8.98
C MET A 55 9.33 2.16 -8.07
N LEU A 56 9.33 0.95 -8.60
CA LEU A 56 9.90 -0.20 -7.95
C LEU A 56 11.40 -0.31 -8.22
N LYS A 57 12.05 -1.19 -7.50
CA LYS A 57 13.44 -1.46 -7.81
C LYS A 57 13.76 -2.91 -7.88
N GLY A 58 14.92 -3.19 -8.46
CA GLY A 58 15.38 -4.55 -8.48
C GLY A 58 14.53 -5.55 -9.26
N ASP A 59 14.26 -6.68 -8.63
CA ASP A 59 13.35 -7.71 -9.13
C ASP A 59 11.91 -7.54 -8.68
N ASP A 60 11.58 -6.39 -8.09
CA ASP A 60 10.25 -6.29 -7.63
C ASP A 60 9.29 -6.15 -8.79
N LYS A 61 8.03 -6.36 -8.52
CA LYS A 61 7.08 -6.35 -9.62
C LYS A 61 5.71 -6.13 -9.04
N LEU A 62 4.79 -5.79 -9.91
CA LEU A 62 3.39 -5.53 -9.48
C LEU A 62 2.40 -5.94 -10.54
N THR A 63 1.16 -6.06 -10.12
CA THR A 63 0.03 -6.44 -10.94
C THR A 63 -1.13 -5.49 -10.68
N VAL A 64 -1.59 -4.85 -11.74
CA VAL A 64 -2.78 -3.99 -11.72
C VAL A 64 -3.98 -4.78 -12.27
N LYS A 65 -5.10 -4.72 -11.60
CA LYS A 65 -6.34 -5.28 -12.05
C LYS A 65 -7.48 -4.31 -11.97
N ILE A 66 -8.10 -4.05 -13.10
CA ILE A 66 -9.30 -3.20 -13.18
C ILE A 66 -10.51 -4.04 -13.50
N GLU A 67 -11.51 -3.91 -12.66
CA GLU A 67 -12.73 -4.63 -12.85
C GLU A 67 -13.93 -3.74 -12.60
N GLY A 68 -14.35 -2.97 -13.59
CA GLY A 68 -15.44 -2.03 -13.43
C GLY A 68 -16.83 -2.52 -13.83
N GLY A 69 -16.96 -3.73 -14.31
CA GLY A 69 -18.23 -4.31 -14.68
C GLY A 69 -18.64 -4.11 -16.14
N GLY A 70 -17.82 -3.40 -16.89
CA GLY A 70 -18.15 -3.08 -18.28
C GLY A 70 -17.87 -4.27 -19.18
N PRO A 71 -18.28 -4.15 -20.44
CA PRO A 71 -18.13 -5.24 -21.42
C PRO A 71 -16.73 -5.80 -21.62
N ILE A 72 -15.68 -4.99 -21.44
CA ILE A 72 -14.31 -5.44 -21.63
C ILE A 72 -13.94 -6.55 -20.59
N GLY A 73 -14.73 -6.67 -19.52
CA GLY A 73 -14.45 -7.57 -18.40
C GLY A 73 -13.36 -6.98 -17.50
N ALA A 74 -12.28 -7.75 -17.28
CA ALA A 74 -11.14 -7.38 -16.43
C ALA A 74 -10.01 -6.89 -17.37
N ILE A 75 -9.28 -5.92 -16.91
CA ILE A 75 -8.01 -5.50 -17.53
C ILE A 75 -6.90 -5.81 -16.49
N VAL A 76 -5.89 -6.60 -16.89
CA VAL A 76 -4.86 -7.03 -15.97
C VAL A 76 -3.56 -6.71 -16.64
N ALA A 77 -2.66 -6.08 -15.90
CA ALA A 77 -1.32 -5.73 -16.33
C ALA A 77 -0.30 -6.06 -15.24
N ASP A 78 0.67 -6.88 -15.59
CA ASP A 78 1.87 -7.04 -14.81
C ASP A 78 2.93 -6.03 -15.28
N ALA A 79 3.67 -5.42 -14.35
CA ALA A 79 4.77 -4.52 -14.69
C ALA A 79 5.91 -4.79 -13.72
N ASN A 80 7.14 -4.84 -14.21
CA ASN A 80 8.28 -5.00 -13.30
C ASN A 80 9.12 -3.73 -13.21
N ALA A 81 10.21 -3.78 -12.44
CA ALA A 81 11.06 -2.61 -12.29
C ALA A 81 12.03 -2.38 -13.46
N LYS A 82 12.03 -3.29 -14.44
CA LYS A 82 12.92 -3.31 -15.55
C LYS A 82 12.18 -2.92 -16.83
N GLY A 83 11.07 -2.19 -16.75
CA GLY A 83 10.39 -1.69 -17.95
C GLY A 83 9.58 -2.72 -18.80
N GLU A 84 9.29 -3.89 -18.26
CA GLU A 84 8.54 -4.90 -18.98
C GLU A 84 7.08 -5.04 -18.45
N VAL A 85 6.15 -5.04 -19.39
CA VAL A 85 4.73 -5.17 -19.10
C VAL A 85 4.16 -6.34 -19.89
N ARG A 86 3.28 -7.14 -19.27
CA ARG A 86 2.36 -7.93 -20.06
C ARG A 86 0.94 -7.61 -19.58
N ALA A 87 -0.01 -7.66 -20.48
CA ALA A 87 -1.39 -7.27 -20.18
C ALA A 87 -2.39 -7.91 -21.08
N TYR A 88 -3.62 -8.09 -20.57
CA TYR A 88 -4.69 -8.60 -21.40
C TYR A 88 -5.98 -8.02 -20.87
N VAL A 89 -7.01 -8.10 -21.71
CA VAL A 89 -8.37 -7.80 -21.28
C VAL A 89 -9.20 -9.03 -21.49
N SER A 90 -10.31 -9.20 -20.77
CA SER A 90 -11.09 -10.41 -20.92
C SER A 90 -11.67 -10.53 -22.33
N ASN A 91 -12.21 -9.44 -22.81
CA ASN A 91 -12.99 -9.41 -24.06
C ASN A 91 -12.46 -8.35 -24.99
N PRO A 92 -11.49 -8.73 -25.80
CA PRO A 92 -10.82 -7.72 -26.64
C PRO A 92 -11.63 -6.97 -27.68
N GLN A 93 -12.61 -7.66 -28.25
CA GLN A 93 -13.43 -7.00 -29.30
C GLN A 93 -14.59 -6.22 -28.68
N VAL A 94 -14.21 -5.13 -28.07
CA VAL A 94 -15.13 -4.18 -27.44
C VAL A 94 -14.93 -2.83 -28.08
N HIS A 95 -16.05 -2.27 -28.46
CA HIS A 95 -16.09 -0.94 -29.14
C HIS A 95 -17.52 -0.39 -29.14
N PHE A 96 -17.59 0.93 -29.26
CA PHE A 96 -18.84 1.68 -29.25
C PHE A 96 -18.70 2.91 -30.18
N ASP A 97 -19.84 3.57 -30.45
CA ASP A 97 -19.82 4.95 -30.95
C ASP A 97 -18.94 5.75 -30.08
N LEU A 98 -18.39 6.81 -30.66
CA LEU A 98 -17.64 7.79 -29.93
C LEU A 98 -18.50 8.43 -28.87
N ASN A 99 -17.84 8.86 -27.78
CA ASN A 99 -18.51 9.48 -26.65
C ASN A 99 -18.92 10.90 -27.06
N ALA A 100 -19.49 11.65 -26.16
CA ALA A 100 -20.06 12.93 -26.52
C ALA A 100 -19.01 13.94 -26.92
N ALA A 101 -17.73 13.70 -26.57
CA ALA A 101 -16.64 14.55 -27.01
C ALA A 101 -15.97 14.13 -28.31
N GLY A 102 -16.50 13.14 -28.98
CA GLY A 102 -15.90 12.56 -30.17
C GLY A 102 -14.63 11.75 -29.91
N LYS A 103 -14.47 11.22 -28.70
CA LYS A 103 -13.31 10.36 -28.36
C LYS A 103 -13.75 8.90 -27.94
N LEU A 104 -12.81 7.99 -27.84
CA LEU A 104 -13.13 6.59 -27.60
C LEU A 104 -13.74 6.49 -26.17
N ASP A 105 -14.85 5.77 -26.07
CA ASP A 105 -15.67 5.80 -24.83
C ASP A 105 -15.09 4.72 -23.86
N VAL A 106 -13.90 5.03 -23.31
CA VAL A 106 -13.16 4.04 -22.47
C VAL A 106 -14.01 3.73 -21.26
N ARG A 107 -14.66 4.71 -20.66
CA ARG A 107 -15.46 4.52 -19.46
C ARG A 107 -16.57 3.49 -19.68
N ARG A 108 -17.18 3.48 -20.85
CA ARG A 108 -18.22 2.53 -21.22
C ARG A 108 -17.73 1.10 -21.38
N ALA A 109 -16.50 0.95 -21.84
CA ALA A 109 -15.88 -0.33 -22.00
C ALA A 109 -15.52 -0.89 -20.61
N VAL A 110 -14.96 -0.02 -19.77
CA VAL A 110 -14.42 -0.43 -18.45
C VAL A 110 -15.56 -0.67 -17.43
N GLY A 111 -16.54 0.24 -17.42
CA GLY A 111 -17.62 0.24 -16.46
C GLY A 111 -17.22 1.08 -15.28
N THR A 112 -18.19 1.56 -14.53
CA THR A 112 -17.87 2.45 -13.41
C THR A 112 -18.36 1.92 -12.05
N ASN A 113 -18.46 0.61 -11.93
CA ASN A 113 -18.84 -0.04 -10.71
C ASN A 113 -17.95 -1.22 -10.39
N GLY A 114 -16.87 -0.91 -9.69
CA GLY A 114 -15.79 -1.83 -9.40
C GLY A 114 -14.60 -1.10 -8.92
N THR A 115 -13.48 -1.81 -8.98
CA THR A 115 -12.30 -1.42 -8.32
C THR A 115 -11.06 -1.48 -9.25
N LEU A 116 -10.05 -0.71 -8.85
CA LEU A 116 -8.68 -0.79 -9.35
C LEU A 116 -7.79 -1.22 -8.18
N SER A 117 -7.07 -2.29 -8.37
CA SER A 117 -6.18 -2.81 -7.39
C SER A 117 -4.77 -3.00 -7.91
N VAL A 118 -3.84 -2.89 -6.99
CA VAL A 118 -2.42 -3.00 -7.25
C VAL A 118 -1.87 -3.89 -6.20
N VAL A 119 -1.26 -5.00 -6.61
CA VAL A 119 -0.62 -5.93 -5.65
C VAL A 119 0.87 -5.93 -6.00
N LYS A 120 1.73 -5.60 -5.02
CA LYS A 120 3.19 -5.50 -5.23
C LYS A 120 3.89 -6.70 -4.58
N ASP A 121 4.74 -7.36 -5.31
CA ASP A 121 5.73 -8.33 -4.77
C ASP A 121 7.10 -7.65 -4.64
N LEU A 122 7.41 -7.34 -3.39
CA LEU A 122 8.58 -6.54 -3.01
C LEU A 122 9.76 -7.38 -2.41
N GLY A 123 9.67 -8.68 -2.64
CA GLY A 123 10.67 -9.56 -2.08
C GLY A 123 9.99 -10.66 -1.32
N LEU A 124 10.84 -11.58 -0.83
CA LEU A 124 10.44 -12.68 0.08
C LEU A 124 9.87 -12.00 1.29
N ARG A 125 8.63 -12.30 1.53
CA ARG A 125 7.99 -11.83 2.76
C ARG A 125 7.91 -10.26 3.00
N GLU A 126 7.85 -9.47 1.92
CA GLU A 126 7.51 -8.07 2.01
C GLU A 126 6.34 -7.90 1.01
N PHE A 127 5.18 -7.42 1.47
CA PHE A 127 3.92 -7.47 0.71
C PHE A 127 3.23 -6.09 0.77
N PHE A 128 2.59 -5.67 -0.31
CA PHE A 128 1.84 -4.44 -0.33
C PHE A 128 0.69 -4.58 -1.32
N THR A 129 -0.53 -4.27 -0.87
CA THR A 129 -1.68 -4.21 -1.74
C THR A 129 -2.44 -2.89 -1.58
N GLY A 130 -3.05 -2.39 -2.66
CA GLY A 130 -3.98 -1.26 -2.57
C GLY A 130 -5.16 -1.53 -3.46
N GLN A 131 -6.33 -0.98 -3.08
CA GLN A 131 -7.51 -1.09 -3.85
C GLN A 131 -8.38 0.17 -3.59
N VAL A 132 -8.85 0.76 -4.68
CA VAL A 132 -9.71 1.91 -4.63
C VAL A 132 -10.90 1.66 -5.53
N GLU A 133 -11.94 2.40 -5.28
CA GLU A 133 -13.06 2.40 -6.23
C GLU A 133 -12.68 3.01 -7.58
N ILE A 134 -13.27 2.53 -8.66
CA ILE A 134 -13.23 3.26 -9.92
C ILE A 134 -14.12 4.53 -9.80
N VAL A 135 -13.55 5.70 -10.04
CA VAL A 135 -14.28 6.96 -9.90
C VAL A 135 -14.63 7.59 -11.24
N SER A 136 -13.94 7.15 -12.29
CA SER A 136 -14.12 7.73 -13.60
C SER A 136 -14.44 6.65 -14.64
N GLY A 137 -13.54 5.68 -14.80
CA GLY A 137 -13.71 4.68 -15.85
C GLY A 137 -12.81 5.03 -17.03
N GLU A 138 -12.35 6.29 -17.11
CA GLU A 138 -11.48 6.77 -18.20
C GLU A 138 -9.98 6.40 -17.89
N LEU A 139 -9.72 5.90 -16.70
CA LEU A 139 -8.42 5.30 -16.28
C LEU A 139 -7.39 6.26 -15.83
N GLY A 140 -7.08 7.29 -16.62
CA GLY A 140 -6.15 8.29 -16.12
C GLY A 140 -6.55 8.79 -14.72
N ASP A 141 -7.79 9.24 -14.60
CA ASP A 141 -8.31 9.78 -13.34
C ASP A 141 -8.43 8.73 -12.26
N ASP A 142 -8.63 7.50 -12.64
CA ASP A 142 -8.64 6.39 -11.67
C ASP A 142 -7.28 6.11 -11.09
N PHE A 143 -6.24 6.07 -11.92
CA PHE A 143 -4.89 5.96 -11.45
C PHE A 143 -4.45 7.16 -10.59
N THR A 144 -4.89 8.37 -10.96
CA THR A 144 -4.62 9.54 -10.14
C THR A 144 -5.19 9.34 -8.75
N TYR A 145 -6.43 8.87 -8.68
CA TYR A 145 -7.15 8.66 -7.43
C TYR A 145 -6.49 7.55 -6.60
N TYR A 146 -6.05 6.47 -7.26
CA TYR A 146 -5.22 5.44 -6.60
C TYR A 146 -3.96 6.05 -6.00
N LEU A 147 -3.24 6.89 -6.73
CA LEU A 147 -2.02 7.46 -6.21
C LEU A 147 -2.19 8.44 -5.05
N VAL A 148 -3.21 9.27 -5.12
CA VAL A 148 -3.52 10.22 -4.09
C VAL A 148 -3.97 9.47 -2.83
N SER A 149 -4.81 8.47 -3.02
CA SER A 149 -5.19 7.56 -1.92
C SER A 149 -4.04 6.87 -1.23
N SER A 150 -3.07 6.40 -2.02
CA SER A 150 -1.93 5.63 -1.59
C SER A 150 -0.88 6.51 -0.80
N GLU A 151 -0.46 7.60 -1.44
CA GLU A 151 0.66 8.41 -0.96
C GLU A 151 0.25 9.76 -0.40
N GLN A 152 -1.00 10.14 -0.55
CA GLN A 152 -1.51 11.46 -0.10
C GLN A 152 -0.56 12.65 -0.40
N VAL A 153 -0.05 12.69 -1.63
CA VAL A 153 0.59 13.91 -2.16
C VAL A 153 -0.24 14.21 -3.40
N PRO A 154 -0.35 15.50 -3.76
CA PRO A 154 -1.00 15.83 -5.00
C PRO A 154 -0.31 15.00 -6.10
N SER A 155 -1.14 14.42 -6.97
CA SER A 155 -0.64 13.59 -8.08
C SER A 155 -1.42 13.80 -9.30
N SER A 156 -0.78 13.58 -10.40
CA SER A 156 -1.50 13.60 -11.64
C SER A 156 -0.91 12.54 -12.56
N VAL A 157 -1.78 11.66 -13.09
CA VAL A 157 -1.43 10.61 -14.04
C VAL A 157 -2.08 11.01 -15.36
N GLY A 158 -1.30 11.18 -16.45
CA GLY A 158 -1.94 11.31 -17.73
C GLY A 158 -1.53 10.12 -18.58
N VAL A 159 -2.47 9.58 -19.31
CA VAL A 159 -2.19 8.47 -20.21
C VAL A 159 -3.09 8.64 -21.47
N GLY A 160 -2.50 8.38 -22.63
CA GLY A 160 -3.25 8.43 -23.87
C GLY A 160 -2.85 7.41 -24.87
N VAL A 161 -3.82 7.08 -25.72
CA VAL A 161 -3.61 6.13 -26.78
C VAL A 161 -4.46 6.70 -27.98
N LEU A 162 -3.85 6.80 -29.14
CA LEU A 162 -4.56 7.17 -30.41
C LEU A 162 -4.60 5.93 -31.26
N VAL A 163 -5.74 5.56 -31.83
CA VAL A 163 -5.85 4.36 -32.61
C VAL A 163 -6.22 4.72 -34.07
N ASN A 164 -5.58 4.03 -35.02
CA ASN A 164 -5.90 4.18 -36.46
C ASN A 164 -7.17 3.49 -36.87
N PRO A 165 -7.79 3.91 -38.01
CA PRO A 165 -8.98 3.19 -38.52
C PRO A 165 -8.77 1.72 -38.76
N ASP A 166 -7.54 1.30 -39.09
CA ASP A 166 -7.26 -0.10 -39.27
C ASP A 166 -7.03 -0.87 -37.98
N ASN A 167 -7.29 -0.20 -36.86
CA ASN A 167 -7.22 -0.77 -35.53
C ASN A 167 -5.80 -0.81 -34.94
N THR A 168 -4.77 -0.46 -35.73
CA THR A 168 -3.44 -0.36 -35.18
C THR A 168 -3.28 0.89 -34.30
N ILE A 169 -2.23 0.88 -33.47
CA ILE A 169 -1.97 2.01 -32.61
C ILE A 169 -1.11 3.06 -33.28
N LEU A 170 -1.54 4.29 -33.25
CA LEU A 170 -0.76 5.37 -33.84
C LEU A 170 0.16 5.97 -32.83
N ALA A 171 -0.32 6.14 -31.61
CA ALA A 171 0.56 6.68 -30.57
C ALA A 171 0.09 6.28 -29.18
N ALA A 172 1.03 6.14 -28.25
CA ALA A 172 0.66 5.93 -26.85
C ALA A 172 1.77 6.49 -25.96
N GLY A 173 1.37 7.07 -24.83
CA GLY A 173 2.33 7.55 -23.86
C GLY A 173 1.66 7.99 -22.60
N GLY A 174 2.47 8.46 -21.67
CA GLY A 174 1.94 8.95 -20.42
C GLY A 174 2.94 9.65 -19.53
N PHE A 175 2.41 10.18 -18.45
CA PHE A 175 3.23 10.75 -17.42
C PHE A 175 2.57 10.58 -16.06
N ILE A 176 3.42 10.68 -15.03
CA ILE A 176 3.01 10.88 -13.65
C ILE A 176 3.82 11.99 -13.02
N ILE A 177 3.10 12.92 -12.43
CA ILE A 177 3.69 14.00 -11.64
C ILE A 177 3.19 13.97 -10.18
N GLN A 178 4.11 14.12 -9.24
CA GLN A 178 3.76 14.08 -7.82
C GLN A 178 4.47 15.23 -7.15
N LEU A 179 3.74 15.96 -6.28
CA LEU A 179 4.29 17.11 -5.58
C LEU A 179 4.60 16.74 -4.17
N MET A 180 5.87 16.63 -3.86
CA MET A 180 6.32 16.30 -2.52
C MET A 180 6.14 17.51 -1.53
N PRO A 181 6.21 17.19 -0.26
CA PRO A 181 6.26 18.22 0.82
C PRO A 181 7.21 19.42 0.56
N GLY A 182 6.74 20.62 0.85
CA GLY A 182 7.59 21.83 0.71
C GLY A 182 7.50 22.43 -0.69
N THR A 183 6.68 21.82 -1.55
CA THR A 183 6.34 22.48 -2.80
C THR A 183 5.59 23.75 -2.38
N ASP A 184 6.13 24.93 -2.73
CA ASP A 184 5.46 26.21 -2.37
C ASP A 184 4.25 26.43 -3.29
N ASP A 185 3.37 27.33 -2.90
CA ASP A 185 2.09 27.46 -3.60
C ASP A 185 2.26 28.04 -5.00
N GLU A 186 3.37 28.73 -5.24
CA GLU A 186 3.65 29.28 -6.57
C GLU A 186 3.88 28.15 -7.59
N THR A 187 4.57 27.10 -7.14
CA THR A 187 4.85 25.99 -8.02
C THR A 187 3.58 25.15 -8.19
N ILE A 188 2.81 25.01 -7.13
CA ILE A 188 1.54 24.29 -7.23
C ILE A 188 0.66 24.92 -8.31
N THR A 189 0.34 26.20 -8.16
CA THR A 189 -0.54 26.84 -9.12
C THR A 189 0.11 27.00 -10.48
N LYS A 190 1.43 27.00 -10.53
CA LYS A 190 2.12 26.89 -11.82
C LYS A 190 1.70 25.58 -12.47
N ILE A 191 1.91 24.50 -11.71
CA ILE A 191 1.80 23.15 -12.26
C ILE A 191 0.36 22.83 -12.57
N GLU A 192 -0.51 23.01 -11.58
CA GLU A 192 -1.95 22.85 -11.76
C GLU A 192 -2.51 23.64 -12.95
N GLN A 193 -1.98 24.84 -13.20
CA GLN A 193 -2.44 25.64 -14.34
C GLN A 193 -1.99 24.92 -15.61
N ARG A 194 -0.68 24.85 -15.83
CA ARG A 194 -0.09 24.06 -16.93
C ARG A 194 -0.89 22.80 -17.21
N LEU A 195 -1.08 21.99 -16.16
CA LEU A 195 -1.82 20.75 -16.26
C LEU A 195 -3.17 20.98 -16.89
N SER A 196 -3.99 21.77 -16.20
CA SER A 196 -5.34 22.08 -16.68
C SER A 196 -5.20 23.33 -17.51
N GLN A 197 -4.59 23.14 -18.70
CA GLN A 197 -4.11 24.22 -19.59
C GLN A 197 -3.28 23.73 -20.80
N VAL A 198 -2.84 22.44 -20.84
CA VAL A 198 -2.00 21.89 -21.94
C VAL A 198 -2.60 20.70 -22.74
N GLU A 199 -2.02 20.42 -23.90
CA GLU A 199 -2.58 19.48 -24.85
C GLU A 199 -2.58 17.97 -24.40
N PRO A 200 -3.41 17.13 -25.03
CA PRO A 200 -3.47 15.70 -24.72
C PRO A 200 -2.19 14.95 -25.02
N ILE A 201 -1.98 13.97 -24.18
CA ILE A 201 -0.68 13.42 -24.08
C ILE A 201 -0.45 12.59 -25.36
N SER A 202 -1.48 11.90 -25.83
CA SER A 202 -1.33 11.09 -27.05
C SER A 202 -1.05 11.99 -28.25
N LYS A 203 -1.63 13.18 -28.32
CA LYS A 203 -1.15 14.11 -29.41
C LYS A 203 0.28 14.70 -29.25
N LEU A 204 0.73 14.89 -27.99
CA LEU A 204 2.09 15.25 -27.75
C LEU A 204 2.99 14.13 -28.28
N ILE A 205 2.59 12.85 -28.06
CA ILE A 205 3.44 11.76 -28.54
C ILE A 205 3.40 11.73 -30.10
N GLN A 206 2.20 11.91 -30.65
CA GLN A 206 2.00 11.89 -32.13
C GLN A 206 2.86 12.99 -32.83
N LYS A 207 2.84 14.19 -32.23
CA LYS A 207 3.70 15.35 -32.58
C LYS A 207 5.18 14.98 -32.48
N GLY A 208 5.45 13.94 -31.70
CA GLY A 208 6.79 13.39 -31.65
C GLY A 208 7.62 13.99 -30.53
N LEU A 209 6.93 14.55 -29.55
CA LEU A 209 7.55 14.89 -28.25
C LEU A 209 8.13 13.66 -27.54
N THR A 210 9.33 13.78 -27.02
CA THR A 210 9.95 12.71 -26.29
C THR A 210 9.28 12.68 -24.90
N PRO A 211 9.49 11.64 -24.14
CA PRO A 211 9.16 11.70 -22.69
C PRO A 211 9.69 12.97 -21.97
N GLU A 212 10.96 13.30 -22.16
CA GLU A 212 11.59 14.50 -21.58
C GLU A 212 10.88 15.79 -21.96
N GLU A 213 10.54 15.88 -23.23
CA GLU A 213 9.84 17.03 -23.73
C GLU A 213 8.47 17.08 -23.19
N ILE A 214 7.83 15.94 -23.04
CA ILE A 214 6.50 15.96 -22.46
C ILE A 214 6.51 16.53 -21.02
N LEU A 215 7.47 16.08 -20.19
CA LEU A 215 7.64 16.59 -18.81
C LEU A 215 7.95 18.10 -18.81
N GLU A 216 8.81 18.53 -19.70
CA GLU A 216 9.05 19.96 -19.87
C GLU A 216 7.78 20.75 -20.17
N GLU A 217 6.97 20.25 -21.08
CA GLU A 217 5.75 20.89 -21.44
C GLU A 217 4.83 20.94 -20.28
N VAL A 218 4.72 19.84 -19.54
CA VAL A 218 3.74 19.77 -18.48
C VAL A 218 4.20 20.52 -17.25
N LEU A 219 5.50 20.49 -16.98
CA LEU A 219 6.03 21.07 -15.75
C LEU A 219 6.34 22.58 -15.86
N GLY A 220 6.62 23.07 -17.06
CA GLY A 220 7.03 24.45 -17.23
C GLY A 220 8.52 24.65 -17.04
N GLU A 221 9.29 23.57 -16.92
CA GLU A 221 10.74 23.64 -16.81
C GLU A 221 11.36 22.30 -17.24
N LYS A 222 12.60 22.32 -17.63
CA LYS A 222 13.28 21.09 -18.05
C LYS A 222 13.53 20.32 -16.77
N PRO A 223 13.16 19.04 -16.78
CA PRO A 223 13.32 18.16 -15.62
C PRO A 223 14.74 17.73 -15.49
N GLU A 224 15.08 17.37 -14.27
CA GLU A 224 16.31 16.67 -14.04
C GLU A 224 16.13 15.16 -14.26
N ILE A 225 16.83 14.60 -15.24
CA ILE A 225 16.67 13.16 -15.56
C ILE A 225 17.47 12.32 -14.59
N LEU A 226 16.80 11.39 -13.94
CA LEU A 226 17.48 10.48 -13.03
C LEU A 226 17.84 9.13 -13.64
N GLU A 227 17.02 8.69 -14.61
CA GLU A 227 17.21 7.41 -15.26
C GLU A 227 16.40 7.33 -16.56
N THR A 228 16.93 6.72 -17.61
CA THR A 228 16.12 6.36 -18.79
C THR A 228 16.19 4.85 -18.93
N MET A 229 15.10 4.27 -19.43
CA MET A 229 15.10 2.83 -19.66
C MET A 229 14.27 2.43 -20.83
N PRO A 230 14.78 1.44 -21.57
CA PRO A 230 14.00 0.83 -22.63
C PRO A 230 12.80 0.10 -22.00
N VAL A 231 11.74 0.00 -22.77
CA VAL A 231 10.53 -0.69 -22.26
C VAL A 231 9.99 -1.63 -23.36
N ARG A 232 9.21 -2.60 -22.95
CA ARG A 232 8.59 -3.51 -23.90
C ARG A 232 7.45 -4.31 -23.28
N PHE A 233 6.64 -4.86 -24.20
CA PHE A 233 5.62 -5.89 -23.90
C PHE A 233 6.43 -7.17 -23.82
N HIS A 234 6.38 -7.89 -22.72
CA HIS A 234 7.00 -9.21 -22.67
C HIS A 234 6.24 -10.14 -21.76
N CYS A 235 5.94 -11.35 -22.25
CA CYS A 235 5.39 -12.44 -21.44
C CYS A 235 6.38 -13.61 -21.45
N PRO A 236 6.80 -14.10 -20.29
CA PRO A 236 7.86 -15.18 -20.23
C PRO A 236 7.28 -16.58 -20.44
N CYS A 237 6.02 -16.70 -20.85
CA CYS A 237 5.52 -18.02 -21.20
C CYS A 237 6.41 -18.68 -22.30
N SER A 238 6.24 -19.98 -22.49
CA SER A 238 6.97 -20.73 -23.49
C SER A 238 6.20 -22.02 -23.70
N LYS A 239 6.50 -22.74 -24.78
CA LYS A 239 5.81 -23.99 -25.04
C LYS A 239 5.94 -25.00 -23.87
N GLU A 240 7.03 -24.93 -23.14
CA GLU A 240 7.35 -25.84 -22.07
C GLU A 240 6.35 -25.72 -20.94
N ARG A 241 5.94 -24.50 -20.63
CA ARG A 241 4.93 -24.26 -19.64
C ARG A 241 3.65 -25.00 -19.97
N PHE A 242 3.23 -24.94 -21.23
CA PHE A 242 2.00 -25.56 -21.62
C PHE A 242 2.13 -27.06 -21.73
N GLU A 243 3.31 -27.53 -22.14
CA GLU A 243 3.60 -28.96 -22.20
C GLU A 243 3.37 -29.54 -20.81
N THR A 244 3.96 -28.89 -19.81
CA THR A 244 3.86 -29.30 -18.43
C THR A 244 2.38 -29.37 -17.96
N ALA A 245 1.58 -28.39 -18.38
CA ALA A 245 0.16 -28.37 -18.07
C ALA A 245 -0.57 -29.52 -18.78
N ILE A 246 -0.22 -29.80 -20.04
CA ILE A 246 -0.86 -30.91 -20.73
C ILE A 246 -0.51 -32.24 -20.06
N LEU A 247 0.73 -32.41 -19.68
CA LEU A 247 1.18 -33.61 -18.97
C LEU A 247 0.29 -33.85 -17.75
N GLY A 248 0.00 -32.76 -17.03
CA GLY A 248 -0.76 -32.82 -15.81
C GLY A 248 -2.18 -33.26 -16.02
N LEU A 249 -2.66 -33.36 -17.26
CA LEU A 249 -4.02 -33.85 -17.51
C LEU A 249 -4.22 -35.38 -17.41
N GLY A 250 -3.15 -36.15 -17.46
CA GLY A 250 -3.26 -37.61 -17.59
C GLY A 250 -3.56 -38.21 -18.97
N LYS A 251 -3.18 -39.48 -19.11
CA LYS A 251 -3.18 -40.21 -20.37
C LYS A 251 -4.53 -40.18 -21.07
N LYS A 252 -5.58 -40.40 -20.30
CA LYS A 252 -6.91 -40.44 -20.84
C LYS A 252 -7.33 -39.14 -21.58
N GLU A 253 -7.17 -37.98 -20.92
CA GLU A 253 -7.59 -36.67 -21.45
C GLU A 253 -6.71 -36.39 -22.71
N ILE A 254 -5.42 -36.71 -22.61
CA ILE A 254 -4.54 -36.53 -23.73
C ILE A 254 -5.00 -37.39 -24.90
N GLN A 255 -5.43 -38.62 -24.64
CA GLN A 255 -5.76 -39.53 -25.74
C GLN A 255 -7.02 -39.01 -26.41
N ASP A 256 -7.92 -38.44 -25.63
CA ASP A 256 -9.09 -37.76 -26.17
C ASP A 256 -8.65 -36.67 -27.19
N MET A 257 -7.65 -35.87 -26.82
CA MET A 257 -7.09 -34.82 -27.68
C MET A 257 -6.61 -35.41 -29.01
N ILE A 258 -5.80 -36.46 -28.91
CA ILE A 258 -5.26 -37.11 -30.08
C ILE A 258 -6.39 -37.67 -30.96
N GLU A 259 -7.38 -38.31 -30.32
CA GLU A 259 -8.39 -39.07 -31.07
C GLU A 259 -9.37 -38.13 -31.78
N GLU A 260 -9.93 -37.17 -31.05
CA GLU A 260 -10.92 -36.25 -31.64
C GLU A 260 -10.31 -35.10 -32.50
N ASP A 261 -9.05 -34.73 -32.23
CA ASP A 261 -8.42 -33.57 -32.90
C ASP A 261 -7.12 -33.83 -33.67
N GLY A 262 -6.36 -34.87 -33.31
CA GLY A 262 -5.08 -35.13 -33.96
C GLY A 262 -3.94 -34.20 -33.54
N GLN A 263 -4.18 -33.36 -32.54
CA GLN A 263 -3.25 -32.26 -32.16
C GLN A 263 -3.91 -31.43 -31.05
N ALA A 264 -3.17 -30.47 -30.55
CA ALA A 264 -3.69 -29.57 -29.54
C ALA A 264 -2.99 -28.17 -29.63
N GLU A 265 -3.78 -27.13 -29.51
CA GLU A 265 -3.23 -25.80 -29.52
C GLU A 265 -3.41 -25.29 -28.10
N ALA A 266 -2.34 -24.79 -27.48
CA ALA A 266 -2.42 -24.24 -26.16
C ALA A 266 -2.22 -22.73 -26.32
N VAL A 267 -2.96 -21.92 -25.58
CA VAL A 267 -2.93 -20.44 -25.78
C VAL A 267 -2.66 -19.77 -24.43
N CYS A 268 -1.66 -18.87 -24.37
CA CYS A 268 -1.42 -18.11 -23.14
C CYS A 268 -2.39 -16.99 -23.07
N HIS A 269 -3.12 -16.89 -21.95
CA HIS A 269 -4.19 -15.87 -21.83
C HIS A 269 -3.62 -14.43 -21.62
N PHE A 270 -2.39 -14.35 -21.12
CA PHE A 270 -1.73 -13.08 -20.93
C PHE A 270 -1.31 -12.39 -22.22
N CYS A 271 -0.77 -13.16 -23.17
CA CYS A 271 -0.22 -12.61 -24.37
C CYS A 271 -0.75 -13.20 -25.64
N ASN A 272 -1.71 -14.13 -25.53
CA ASN A 272 -2.33 -14.84 -26.64
C ASN A 272 -1.36 -15.57 -27.58
N GLU A 273 -0.17 -15.92 -27.13
CA GLU A 273 0.76 -16.71 -27.93
C GLU A 273 0.11 -18.12 -28.00
N LYS A 274 0.20 -18.68 -29.21
CA LYS A 274 -0.40 -19.96 -29.56
C LYS A 274 0.69 -20.99 -29.82
N TYR A 275 0.61 -22.09 -29.10
CA TYR A 275 1.58 -23.16 -29.19
C TYR A 275 0.93 -24.45 -29.75
N LEU A 276 1.50 -25.07 -30.77
CA LEU A 276 0.89 -26.26 -31.38
C LEU A 276 1.63 -27.57 -31.03
N PHE A 277 0.86 -28.54 -30.53
CA PHE A 277 1.40 -29.84 -30.15
C PHE A 277 0.90 -30.83 -31.20
N THR A 278 1.82 -31.37 -31.98
CA THR A 278 1.46 -32.30 -33.05
C THR A 278 0.95 -33.61 -32.41
N LYS A 279 0.41 -34.51 -33.24
CA LYS A 279 -0.09 -35.80 -32.77
C LYS A 279 1.03 -36.51 -32.10
N GLU A 280 2.19 -36.53 -32.74
CA GLU A 280 3.36 -37.19 -32.18
C GLU A 280 3.89 -36.59 -30.87
N GLU A 281 3.91 -35.27 -30.77
CA GLU A 281 4.26 -34.62 -29.50
C GLU A 281 3.34 -35.10 -28.37
N LEU A 282 2.05 -35.07 -28.65
CA LEU A 282 1.01 -35.49 -27.70
C LEU A 282 1.15 -36.98 -27.34
N GLU A 283 1.48 -37.83 -28.31
CA GLU A 283 1.75 -39.25 -28.02
C GLU A 283 2.91 -39.38 -27.07
N GLY A 284 3.96 -38.61 -27.30
CA GLY A 284 5.08 -38.53 -26.38
C GLY A 284 4.62 -38.16 -24.97
N LEU A 285 3.68 -37.20 -24.86
CA LEU A 285 3.28 -36.71 -23.54
C LEU A 285 2.37 -37.74 -22.82
N ARG A 286 1.47 -38.33 -23.58
CA ARG A 286 0.58 -39.36 -23.07
C ARG A 286 1.45 -40.46 -22.54
N ASP A 287 2.53 -40.83 -23.25
CA ASP A 287 3.36 -41.93 -22.78
C ASP A 287 4.28 -41.54 -21.65
N GLN A 288 4.64 -40.25 -21.55
CA GLN A 288 5.51 -39.77 -20.48
C GLN A 288 4.75 -39.66 -19.14
N THR A 289 3.53 -39.12 -19.21
CA THR A 289 2.77 -38.85 -18.02
C THR A 289 2.36 -40.17 -17.27
N THR A 290 2.44 -40.15 -15.93
CA THR A 290 2.20 -41.33 -15.07
C THR A 290 0.74 -41.81 -15.02
N MET B 1 -2.28 16.84 27.77
CA MET B 1 -0.78 16.86 27.96
C MET B 1 -0.09 15.84 27.00
N ASP B 2 -0.73 14.70 26.60
CA ASP B 2 -0.13 13.87 25.51
C ASP B 2 -0.46 14.67 24.25
N TYR B 3 0.45 14.72 23.31
CA TYR B 3 0.09 15.23 21.97
C TYR B 3 1.09 14.81 20.91
N LEU B 4 0.77 15.15 19.65
CA LEU B 4 1.56 14.76 18.48
C LEU B 4 1.79 16.03 17.60
N VAL B 5 2.97 16.09 17.01
CA VAL B 5 3.27 17.12 16.05
C VAL B 5 3.62 16.52 14.69
N LYS B 6 3.12 17.21 13.66
CA LYS B 6 3.54 17.00 12.26
C LYS B 6 4.49 18.12 11.86
N ALA B 7 5.59 17.78 11.22
CA ALA B 7 6.69 18.67 10.97
C ALA B 7 7.34 18.42 9.64
N LEU B 8 8.06 19.43 9.19
CA LEU B 8 9.04 19.32 8.11
C LEU B 8 10.34 19.90 8.56
N ALA B 9 11.40 19.48 7.86
CA ALA B 9 12.68 20.04 8.09
C ALA B 9 13.47 19.98 6.79
N TYR B 10 14.63 20.62 6.79
CA TYR B 10 15.56 20.62 5.66
C TYR B 10 14.84 21.10 4.42
N ASP B 11 14.03 22.15 4.60
CA ASP B 11 13.28 22.76 3.52
C ASP B 11 12.39 21.76 2.76
N GLY B 12 11.63 20.98 3.52
CA GLY B 12 10.67 20.02 2.95
C GLY B 12 11.25 18.71 2.52
N LYS B 13 12.54 18.50 2.64
CA LYS B 13 13.11 17.17 2.35
C LYS B 13 12.89 16.10 3.45
N VAL B 14 12.66 16.54 4.68
CA VAL B 14 12.37 15.64 5.79
C VAL B 14 10.93 15.91 6.15
N ARG B 15 10.14 14.85 6.20
CA ARG B 15 8.80 14.86 6.73
C ARG B 15 8.90 14.13 8.09
N ALA B 16 8.44 14.75 9.15
CA ALA B 16 8.65 14.20 10.52
C ALA B 16 7.42 14.23 11.37
N TYR B 17 7.40 13.32 12.35
CA TYR B 17 6.32 13.26 13.30
C TYR B 17 6.92 12.98 14.67
N ALA B 18 6.29 13.49 15.73
CA ALA B 18 6.74 13.16 17.13
C ALA B 18 5.58 13.24 18.05
N ALA B 19 5.61 12.43 19.12
CA ALA B 19 4.50 12.42 20.05
C ALA B 19 4.97 12.06 21.44
N ARG B 20 4.15 12.50 22.38
CA ARG B 20 4.31 12.17 23.80
C ARG B 20 3.01 11.48 24.18
N THR B 21 3.15 10.24 24.65
CA THR B 21 2.02 9.31 24.83
C THR B 21 1.97 8.66 26.21
N THR B 22 2.65 9.29 27.15
CA THR B 22 2.66 8.80 28.53
C THR B 22 1.28 8.52 29.06
N ASP B 23 0.35 9.44 28.90
CA ASP B 23 -0.97 9.19 29.49
C ASP B 23 -1.75 8.01 28.80
N MET B 24 -1.66 7.95 27.48
CA MET B 24 -2.38 6.89 26.81
C MET B 24 -1.77 5.52 27.08
N VAL B 25 -0.46 5.44 27.17
CA VAL B 25 0.20 4.19 27.51
C VAL B 25 -0.15 3.79 28.97
N ASN B 26 -0.22 4.78 29.87
CA ASN B 26 -0.69 4.49 31.22
C ASN B 26 -2.08 3.98 31.25
N GLU B 27 -2.95 4.50 30.38
CA GLU B 27 -4.28 4.01 30.36
C GLU B 27 -4.33 2.56 29.81
N GLY B 28 -3.52 2.26 28.77
CA GLY B 28 -3.43 0.90 28.29
C GLY B 28 -2.97 -0.09 29.39
N GLN B 29 -1.91 0.28 30.10
CA GLN B 29 -1.36 -0.53 31.23
C GLN B 29 -2.44 -0.82 32.27
N ARG B 30 -3.20 0.19 32.66
CA ARG B 30 -4.21 0.05 33.71
C ARG B 30 -5.36 -0.83 33.29
N ARG B 31 -5.83 -0.61 32.06
CA ARG B 31 -6.95 -1.39 31.52
C ARG B 31 -6.58 -2.90 31.41
N HIS B 32 -5.40 -3.17 30.88
CA HIS B 32 -5.05 -4.54 30.60
C HIS B 32 -4.21 -5.21 31.70
N GLY B 33 -3.67 -4.41 32.62
CA GLY B 33 -2.86 -4.97 33.74
C GLY B 33 -1.60 -5.59 33.24
N THR B 34 -0.98 -4.97 32.24
CA THR B 34 0.24 -5.51 31.75
C THR B 34 1.36 -5.46 32.79
N TRP B 35 2.13 -6.54 32.79
CA TRP B 35 3.40 -6.59 33.49
C TRP B 35 4.44 -5.79 32.73
N PRO B 36 5.51 -5.31 33.38
CA PRO B 36 6.41 -4.33 32.75
C PRO B 36 6.85 -4.58 31.32
N THR B 37 7.40 -5.76 31.01
CA THR B 37 7.85 -6.06 29.66
C THR B 37 6.69 -5.95 28.63
N ALA B 38 5.51 -6.39 29.01
CA ALA B 38 4.32 -6.31 28.18
C ALA B 38 3.89 -4.86 27.98
N SER B 39 4.00 -4.05 29.04
CA SER B 39 3.77 -2.59 28.97
C SER B 39 4.68 -1.94 27.98
N ALA B 40 5.93 -2.31 27.96
CA ALA B 40 6.87 -1.74 27.06
C ALA B 40 6.50 -2.09 25.59
N ALA B 41 6.11 -3.33 25.36
CA ALA B 41 5.73 -3.78 24.00
C ALA B 41 4.45 -3.07 23.58
N LEU B 42 3.47 -2.98 24.50
CA LEU B 42 2.25 -2.32 24.23
C LEU B 42 2.48 -0.82 23.89
N GLY B 43 3.14 -0.11 24.78
CA GLY B 43 3.40 1.31 24.57
C GLY B 43 4.21 1.66 23.34
N ARG B 44 5.25 0.88 23.05
CA ARG B 44 6.00 1.03 21.82
C ARG B 44 5.05 0.88 20.59
N THR B 45 4.16 -0.09 20.62
CA THR B 45 3.26 -0.36 19.50
C THR B 45 2.23 0.78 19.39
N MET B 46 1.67 1.20 20.51
CA MET B 46 0.71 2.27 20.55
C MET B 46 1.27 3.55 20.00
N THR B 47 2.51 3.85 20.37
CA THR B 47 3.10 5.13 20.01
C THR B 47 3.44 5.17 18.47
N ALA B 48 3.96 4.06 17.99
CA ALA B 48 4.30 3.93 16.56
C ALA B 48 3.03 3.97 15.73
N SER B 49 2.01 3.25 16.17
CA SER B 49 0.70 3.20 15.54
C SER B 49 0.01 4.55 15.45
N LEU B 50 0.03 5.27 16.57
CA LEU B 50 -0.48 6.68 16.58
C LEU B 50 0.20 7.52 15.50
N MET B 51 1.51 7.43 15.34
CA MET B 51 2.20 8.29 14.41
C MET B 51 1.88 7.84 12.92
N LEU B 52 1.79 6.52 12.68
CA LEU B 52 1.25 6.03 11.42
C LEU B 52 -0.16 6.55 11.14
N GLY B 53 -1.00 6.55 12.16
CA GLY B 53 -2.40 6.97 12.07
C GLY B 53 -2.48 8.47 11.75
N ALA B 54 -1.52 9.25 12.23
CA ALA B 54 -1.49 10.67 11.94
C ALA B 54 -1.15 10.97 10.48
N MET B 55 -0.64 9.97 9.76
CA MET B 55 -0.35 10.15 8.31
C MET B 55 -1.59 10.10 7.48
N LEU B 56 -2.69 9.66 8.10
CA LEU B 56 -3.99 9.48 7.48
C LEU B 56 -4.78 10.77 7.44
N LYS B 57 -5.84 10.81 6.64
CA LYS B 57 -6.69 11.98 6.57
C LYS B 57 -8.13 11.63 6.86
N GLY B 58 -8.88 12.65 7.30
CA GLY B 58 -10.33 12.52 7.40
C GLY B 58 -10.78 11.43 8.37
N ASP B 59 -11.67 10.56 7.94
CA ASP B 59 -12.18 9.49 8.75
C ASP B 59 -11.44 8.15 8.53
N ASP B 60 -10.36 8.18 7.76
CA ASP B 60 -9.63 6.96 7.45
C ASP B 60 -8.94 6.45 8.76
N LYS B 61 -8.74 5.15 8.83
CA LYS B 61 -8.20 4.56 10.04
C LYS B 61 -7.38 3.35 9.64
N LEU B 62 -6.55 2.89 10.60
CA LEU B 62 -5.66 1.79 10.34
C LEU B 62 -5.58 0.85 11.52
N THR B 63 -5.07 -0.34 11.24
CA THR B 63 -4.92 -1.38 12.28
C THR B 63 -3.58 -2.02 12.05
N VAL B 64 -2.79 -2.14 13.13
CA VAL B 64 -1.45 -2.78 13.19
C VAL B 64 -1.63 -4.07 13.98
N LYS B 65 -1.19 -5.19 13.39
CA LYS B 65 -1.23 -6.50 14.08
C LYS B 65 0.20 -7.01 14.02
N ILE B 66 0.70 -7.37 15.19
CA ILE B 66 2.03 -7.94 15.36
C ILE B 66 1.92 -9.23 16.11
N GLU B 67 2.52 -10.30 15.60
CA GLU B 67 2.44 -11.58 16.34
C GLU B 67 3.72 -12.35 16.02
N GLY B 68 4.70 -12.22 16.88
CA GLY B 68 6.03 -12.76 16.60
C GLY B 68 6.35 -14.11 17.23
N GLY B 69 5.38 -14.79 17.79
CA GLY B 69 5.59 -16.13 18.28
C GLY B 69 6.04 -16.14 19.72
N GLY B 70 6.28 -14.96 20.33
CA GLY B 70 6.67 -14.91 21.74
C GLY B 70 5.50 -14.98 22.69
N PRO B 71 5.77 -15.09 23.99
CA PRO B 71 4.72 -15.33 24.97
C PRO B 71 3.71 -14.23 25.10
N ILE B 72 3.95 -13.04 24.59
CA ILE B 72 2.92 -11.97 24.74
C ILE B 72 1.76 -12.23 23.74
N GLY B 73 2.06 -13.03 22.70
CA GLY B 73 1.12 -13.28 21.59
C GLY B 73 0.79 -12.02 20.78
N ALA B 74 -0.40 -11.95 20.22
CA ALA B 74 -0.70 -10.93 19.24
C ALA B 74 -0.93 -9.58 19.97
N ILE B 75 -0.31 -8.55 19.41
CA ILE B 75 -0.50 -7.16 19.81
C ILE B 75 -1.26 -6.46 18.66
N VAL B 76 -2.37 -5.80 18.95
CA VAL B 76 -3.18 -5.12 17.92
C VAL B 76 -3.38 -3.67 18.39
N ALA B 77 -3.13 -2.70 17.50
CA ALA B 77 -3.49 -1.31 17.74
C ALA B 77 -4.29 -0.71 16.57
N ASP B 78 -5.39 -0.04 16.90
CA ASP B 78 -6.18 0.76 15.93
C ASP B 78 -5.71 2.22 16.18
N ALA B 79 -5.58 3.00 15.12
CA ALA B 79 -5.27 4.43 15.20
C ALA B 79 -5.95 5.11 14.04
N ASN B 80 -6.32 6.37 14.26
CA ASN B 80 -7.02 7.12 13.28
C ASN B 80 -6.36 8.49 13.09
N ALA B 81 -6.90 9.21 12.12
CA ALA B 81 -6.38 10.54 11.77
C ALA B 81 -6.56 11.55 12.83
N LYS B 82 -7.49 11.32 13.75
CA LYS B 82 -7.65 12.19 14.93
C LYS B 82 -6.76 11.90 16.12
N GLY B 83 -5.84 10.95 15.99
CA GLY B 83 -5.02 10.50 17.10
C GLY B 83 -5.72 9.74 18.25
N GLU B 84 -6.80 9.05 17.93
CA GLU B 84 -7.46 8.15 18.84
C GLU B 84 -6.85 6.77 18.61
N VAL B 85 -6.39 6.11 19.71
CA VAL B 85 -5.74 4.79 19.63
C VAL B 85 -6.50 3.91 20.59
N ARG B 86 -6.71 2.65 20.21
CA ARG B 86 -7.08 1.60 21.14
C ARG B 86 -6.16 0.38 20.78
N ALA B 87 -5.73 -0.34 21.81
CA ALA B 87 -4.68 -1.31 21.66
C ALA B 87 -4.73 -2.31 22.83
N TYR B 88 -4.39 -3.54 22.53
CA TYR B 88 -4.24 -4.57 23.53
C TYR B 88 -3.11 -5.56 23.17
N VAL B 89 -2.71 -6.35 24.18
CA VAL B 89 -1.76 -7.49 23.99
C VAL B 89 -2.48 -8.74 24.42
N SER B 90 -2.21 -9.87 23.76
CA SER B 90 -3.04 -11.07 24.00
C SER B 90 -2.73 -11.75 25.35
N ASN B 91 -1.50 -11.61 25.80
CA ASN B 91 -1.07 -12.09 27.15
C ASN B 91 -0.32 -10.99 27.88
N PRO B 92 -1.04 -10.22 28.69
CA PRO B 92 -0.45 -9.15 29.50
C PRO B 92 0.56 -9.66 30.50
N GLN B 93 0.52 -10.95 30.83
CA GLN B 93 1.40 -11.47 31.91
C GLN B 93 2.63 -12.07 31.35
N VAL B 94 3.59 -11.20 31.10
CA VAL B 94 4.90 -11.59 30.59
C VAL B 94 5.93 -10.92 31.52
N HIS B 95 6.79 -11.75 32.12
CA HIS B 95 7.96 -11.36 32.93
C HIS B 95 9.23 -11.93 32.39
N PHE B 96 10.26 -11.14 32.17
CA PHE B 96 11.61 -11.69 31.96
C PHE B 96 12.54 -10.78 32.74
N ASP B 97 13.73 -11.26 33.03
CA ASP B 97 14.83 -10.39 33.52
C ASP B 97 15.10 -9.33 32.46
N LEU B 98 15.77 -8.26 32.87
CA LEU B 98 16.28 -7.24 31.92
C LEU B 98 17.27 -7.84 30.98
N ASN B 99 17.46 -7.24 29.80
CA ASN B 99 18.39 -7.76 28.83
C ASN B 99 19.81 -7.30 29.29
N ALA B 100 20.82 -7.65 28.50
CA ALA B 100 22.24 -7.29 28.72
C ALA B 100 22.44 -5.82 28.95
N ALA B 101 21.70 -4.99 28.23
CA ALA B 101 21.81 -3.57 28.37
C ALA B 101 21.01 -3.01 29.53
N GLY B 102 20.40 -3.85 30.37
CA GLY B 102 19.54 -3.31 31.42
C GLY B 102 18.18 -2.72 31.05
N LYS B 103 17.62 -3.13 29.89
CA LYS B 103 16.30 -2.67 29.48
C LYS B 103 15.33 -3.87 29.44
N LEU B 104 14.04 -3.56 29.50
CA LEU B 104 12.99 -4.57 29.34
C LEU B 104 13.19 -5.34 28.02
N ASP B 105 13.07 -6.64 28.09
CA ASP B 105 13.48 -7.56 27.05
C ASP B 105 12.29 -7.74 26.07
N VAL B 106 11.98 -6.67 25.37
CA VAL B 106 10.76 -6.63 24.53
C VAL B 106 10.83 -7.72 23.44
N ARG B 107 11.97 -7.90 22.83
CA ARG B 107 12.09 -8.86 21.72
C ARG B 107 11.86 -10.31 22.16
N ARG B 108 12.14 -10.62 23.45
CA ARG B 108 11.88 -11.97 23.94
C ARG B 108 10.38 -12.16 24.20
N ALA B 109 9.72 -11.08 24.61
CA ALA B 109 8.28 -11.14 24.81
C ALA B 109 7.54 -11.30 23.47
N VAL B 110 7.96 -10.50 22.48
CA VAL B 110 7.26 -10.39 21.15
C VAL B 110 7.59 -11.61 20.28
N GLY B 111 8.86 -11.93 20.21
CA GLY B 111 9.34 -12.99 19.37
C GLY B 111 9.64 -12.48 17.98
N THR B 112 10.48 -13.16 17.26
CA THR B 112 10.83 -12.71 15.90
C THR B 112 10.42 -13.73 14.82
N ASN B 113 9.42 -14.54 15.08
CA ASN B 113 8.90 -15.49 14.08
C ASN B 113 7.44 -15.15 13.79
N GLY B 114 7.24 -14.18 12.92
CA GLY B 114 5.90 -13.77 12.54
C GLY B 114 5.95 -12.42 11.87
N THR B 115 4.80 -11.77 11.75
CA THR B 115 4.61 -10.60 10.88
C THR B 115 4.06 -9.36 11.62
N LEU B 116 4.40 -8.21 11.07
CA LEU B 116 3.80 -6.90 11.36
C LEU B 116 3.00 -6.51 10.14
N SER B 117 1.71 -6.39 10.31
CA SER B 117 0.83 -5.94 9.21
C SER B 117 0.15 -4.64 9.57
N VAL B 118 -0.14 -3.83 8.57
CA VAL B 118 -0.85 -2.55 8.73
C VAL B 118 -1.92 -2.50 7.68
N VAL B 119 -3.19 -2.38 8.10
CA VAL B 119 -4.30 -2.38 7.20
C VAL B 119 -4.92 -1.00 7.32
N LYS B 120 -4.97 -0.27 6.21
CA LYS B 120 -5.60 1.08 6.17
C LYS B 120 -6.99 0.91 5.52
N ASP B 121 -8.02 1.34 6.22
CA ASP B 121 -9.38 1.20 5.83
C ASP B 121 -9.88 2.56 5.35
N LEU B 122 -10.07 2.67 4.04
CA LEU B 122 -10.49 3.92 3.41
C LEU B 122 -11.96 3.91 3.01
N GLY B 123 -12.65 2.82 3.26
CA GLY B 123 -14.02 2.66 2.79
C GLY B 123 -14.30 1.20 2.55
N LEU B 124 -15.55 0.90 2.23
CA LEU B 124 -15.98 -0.48 2.19
C LEU B 124 -15.18 -1.39 1.24
N ARG B 125 -14.85 -0.83 0.07
CA ARG B 125 -14.02 -1.56 -0.94
C ARG B 125 -12.67 -0.90 -1.21
N GLU B 126 -12.21 -0.08 -0.27
CA GLU B 126 -10.98 0.70 -0.47
C GLU B 126 -10.05 0.48 0.73
N PHE B 127 -8.83 0.01 0.50
CA PHE B 127 -7.89 -0.32 1.58
C PHE B 127 -6.51 -0.41 1.04
N PHE B 128 -5.54 -0.23 1.89
CA PHE B 128 -4.11 -0.44 1.60
C PHE B 128 -3.62 -1.35 2.67
N THR B 129 -2.89 -2.39 2.30
CA THR B 129 -2.32 -3.33 3.26
C THR B 129 -0.85 -3.46 3.01
N GLY B 130 -0.09 -3.75 4.06
CA GLY B 130 1.32 -3.97 3.98
C GLY B 130 1.67 -4.97 5.08
N GLN B 131 2.67 -5.75 4.82
CA GLN B 131 3.16 -6.78 5.73
C GLN B 131 4.64 -6.99 5.55
N VAL B 132 5.39 -7.07 6.66
CA VAL B 132 6.75 -7.57 6.66
C VAL B 132 6.93 -8.53 7.80
N GLU B 133 8.03 -9.30 7.73
CA GLU B 133 8.43 -10.14 8.82
C GLU B 133 8.97 -9.28 9.98
N ILE B 134 8.76 -9.74 11.19
CA ILE B 134 9.33 -9.11 12.34
C ILE B 134 10.82 -9.52 12.30
N VAL B 135 11.68 -8.54 12.14
CA VAL B 135 13.10 -8.82 12.14
C VAL B 135 13.88 -8.44 13.41
N SER B 136 13.31 -7.62 14.28
CA SER B 136 14.00 -7.23 15.49
C SER B 136 13.29 -7.80 16.67
N GLY B 137 12.01 -7.48 16.80
CA GLY B 137 11.25 -7.83 17.97
C GLY B 137 11.19 -6.73 19.00
N GLU B 138 12.08 -5.74 18.91
CA GLU B 138 12.02 -4.51 19.74
C GLU B 138 11.00 -3.46 19.29
N LEU B 139 10.39 -3.70 18.11
CA LEU B 139 9.24 -2.97 17.59
C LEU B 139 9.59 -1.69 16.83
N GLY B 140 10.37 -0.81 17.44
CA GLY B 140 10.77 0.37 16.72
C GLY B 140 11.41 0.00 15.39
N ASP B 141 12.40 -0.91 15.40
CA ASP B 141 13.10 -1.31 14.18
C ASP B 141 12.18 -2.12 13.20
N ASP B 142 11.13 -2.75 13.72
CA ASP B 142 10.18 -3.44 12.85
C ASP B 142 9.30 -2.46 12.12
N PHE B 143 8.86 -1.42 12.81
CA PHE B 143 8.11 -0.33 12.17
C PHE B 143 8.96 0.39 11.10
N THR B 144 10.25 0.60 11.38
CA THR B 144 11.18 1.17 10.41
C THR B 144 11.22 0.34 9.18
N TYR B 145 11.34 -0.96 9.35
CA TYR B 145 11.39 -1.90 8.22
C TYR B 145 10.06 -1.89 7.44
N TYR B 146 8.91 -1.87 8.14
CA TYR B 146 7.64 -1.71 7.49
C TYR B 146 7.63 -0.48 6.57
N LEU B 147 8.04 0.66 7.08
CA LEU B 147 8.02 1.91 6.33
C LEU B 147 8.99 1.89 5.13
N VAL B 148 10.17 1.37 5.39
CA VAL B 148 11.23 1.34 4.37
C VAL B 148 10.88 0.31 3.28
N SER B 149 10.36 -0.87 3.67
CA SER B 149 10.30 -2.02 2.74
C SER B 149 8.93 -2.37 2.17
N SER B 150 7.90 -2.08 2.92
CA SER B 150 6.55 -2.27 2.39
C SER B 150 6.08 -0.93 1.83
N GLU B 151 6.22 0.16 2.60
CA GLU B 151 5.68 1.41 2.13
C GLU B 151 6.71 2.09 1.22
N GLN B 152 7.92 1.57 1.22
CA GLN B 152 9.02 2.09 0.36
C GLN B 152 9.25 3.58 0.55
N VAL B 153 9.35 3.99 1.82
CA VAL B 153 9.73 5.36 2.17
C VAL B 153 10.90 5.28 3.14
N PRO B 154 12.07 5.87 2.80
CA PRO B 154 13.22 5.86 3.67
C PRO B 154 12.92 6.55 5.04
N SER B 155 13.03 5.79 6.13
CA SER B 155 12.45 6.25 7.38
C SER B 155 13.21 5.76 8.57
N SER B 156 13.06 6.45 9.69
CA SER B 156 13.62 6.01 10.97
C SER B 156 12.56 6.24 12.08
N VAL B 157 12.22 5.16 12.77
CA VAL B 157 11.23 5.19 13.81
C VAL B 157 11.96 5.01 15.17
N GLY B 158 11.62 5.85 16.14
CA GLY B 158 12.12 5.72 17.50
C GLY B 158 10.92 5.74 18.38
N VAL B 159 10.78 4.73 19.24
CA VAL B 159 9.72 4.70 20.24
C VAL B 159 10.30 4.23 21.59
N GLY B 160 9.83 4.79 22.68
CA GLY B 160 10.43 4.51 24.01
C GLY B 160 9.37 4.47 25.07
N VAL B 161 9.53 3.55 26.04
CA VAL B 161 8.59 3.48 27.14
C VAL B 161 9.47 3.24 28.43
N LEU B 162 9.21 4.04 29.47
CA LEU B 162 9.90 3.92 30.78
C LEU B 162 8.85 3.50 31.79
N VAL B 163 9.13 2.40 32.46
CA VAL B 163 8.21 1.83 33.39
C VAL B 163 8.75 2.06 34.82
N ASN B 164 7.88 2.52 35.68
CA ASN B 164 8.15 2.82 37.09
C ASN B 164 8.21 1.48 37.86
N PRO B 165 8.87 1.47 39.02
CA PRO B 165 8.88 0.24 39.85
C PRO B 165 7.48 -0.24 40.23
N ASP B 166 6.55 0.66 40.42
CA ASP B 166 5.17 0.28 40.79
C ASP B 166 4.34 -0.23 39.53
N ASN B 167 5.03 -0.44 38.41
CA ASN B 167 4.45 -0.96 37.13
C ASN B 167 3.68 0.05 36.29
N THR B 168 3.54 1.30 36.79
CA THR B 168 2.91 2.37 35.98
C THR B 168 3.93 2.89 35.01
N ILE B 169 3.48 3.73 34.10
CA ILE B 169 4.38 4.19 33.04
C ILE B 169 4.93 5.60 33.43
N LEU B 170 6.23 5.78 33.39
CA LEU B 170 6.83 7.09 33.76
C LEU B 170 6.77 8.04 32.55
N ALA B 171 7.10 7.49 31.36
CA ALA B 171 7.14 8.31 30.19
C ALA B 171 6.90 7.40 29.00
N ALA B 172 6.34 7.95 27.91
CA ALA B 172 6.37 7.26 26.62
C ALA B 172 6.30 8.38 25.52
N GLY B 173 6.99 8.13 24.40
CA GLY B 173 6.98 9.03 23.26
C GLY B 173 7.79 8.37 22.13
N GLY B 174 7.84 9.07 20.99
CA GLY B 174 8.53 8.57 19.85
C GLY B 174 8.56 9.61 18.73
N PHE B 175 9.25 9.22 17.68
CA PHE B 175 9.35 10.04 16.47
C PHE B 175 9.34 9.14 15.22
N ILE B 176 9.05 9.72 14.07
CA ILE B 176 9.34 9.09 12.80
C ILE B 176 9.94 10.20 11.92
N ILE B 177 11.09 9.92 11.36
CA ILE B 177 11.76 10.79 10.41
C ILE B 177 11.76 10.06 9.04
N GLN B 178 11.26 10.78 8.01
CA GLN B 178 11.22 10.29 6.61
C GLN B 178 11.95 11.23 5.65
N LEU B 179 12.70 10.65 4.73
CA LEU B 179 13.47 11.41 3.75
C LEU B 179 12.72 11.38 2.45
N MET B 180 12.46 12.55 1.87
CA MET B 180 11.60 12.65 0.71
C MET B 180 12.44 12.41 -0.56
N PRO B 181 11.77 12.07 -1.66
CA PRO B 181 12.44 11.74 -2.92
C PRO B 181 13.49 12.72 -3.41
N GLY B 182 13.34 13.98 -3.05
CA GLY B 182 14.20 15.03 -3.54
C GLY B 182 15.55 15.08 -2.90
N THR B 183 15.68 14.41 -1.76
CA THR B 183 16.83 14.59 -0.86
C THR B 183 18.13 14.12 -1.49
N ASP B 184 19.06 15.06 -1.69
CA ASP B 184 20.33 14.80 -2.40
C ASP B 184 21.23 13.84 -1.62
N ASP B 185 21.89 12.94 -2.34
CA ASP B 185 22.65 11.84 -1.71
C ASP B 185 23.93 12.33 -1.04
N GLU B 186 23.77 12.99 0.11
CA GLU B 186 24.80 13.77 0.78
C GLU B 186 24.19 14.53 1.97
N THR B 187 22.97 15.03 1.78
CA THR B 187 22.13 15.51 2.89
C THR B 187 21.47 14.30 3.61
N ILE B 188 21.23 13.22 2.86
CA ILE B 188 20.84 11.91 3.42
C ILE B 188 21.86 11.44 4.45
N THR B 189 23.15 11.62 4.14
CA THR B 189 24.24 11.18 5.01
C THR B 189 24.42 12.08 6.23
N LYS B 190 24.16 13.38 6.07
CA LYS B 190 24.17 14.30 7.23
C LYS B 190 23.12 13.88 8.26
N ILE B 191 21.92 13.53 7.81
CA ILE B 191 20.83 13.13 8.71
C ILE B 191 21.03 11.72 9.26
N GLU B 192 21.52 10.80 8.44
CA GLU B 192 21.68 9.40 8.87
C GLU B 192 22.75 9.26 9.95
N GLN B 193 23.78 10.09 9.87
CA GLN B 193 24.84 10.08 10.87
C GLN B 193 24.37 10.73 12.16
N ARG B 194 23.69 11.87 12.05
CA ARG B 194 23.21 12.60 13.23
C ARG B 194 22.18 11.79 14.00
N LEU B 195 21.39 10.98 13.28
CA LEU B 195 20.45 10.03 13.89
C LEU B 195 21.24 8.96 14.61
N SER B 196 22.25 8.42 13.94
CA SER B 196 23.11 7.37 14.51
C SER B 196 23.97 7.84 15.69
N GLN B 197 24.05 9.14 15.90
CA GLN B 197 24.91 9.70 16.94
C GLN B 197 24.13 10.25 18.13
N VAL B 198 22.90 10.74 17.91
CA VAL B 198 22.11 11.31 19.01
C VAL B 198 21.76 10.22 20.05
N GLU B 199 21.33 10.64 21.24
CA GLU B 199 20.94 9.66 22.29
C GLU B 199 19.62 8.95 21.92
N PRO B 200 19.49 7.67 22.32
CA PRO B 200 18.26 6.90 22.03
C PRO B 200 17.06 7.60 22.63
N ILE B 201 15.91 7.38 22.00
CA ILE B 201 14.65 8.01 22.36
C ILE B 201 14.30 7.80 23.84
N SER B 202 14.67 6.68 24.43
CA SER B 202 14.35 6.43 25.87
C SER B 202 15.08 7.45 26.78
N LYS B 203 16.32 7.74 26.40
CA LYS B 203 17.10 8.76 27.14
C LYS B 203 16.47 10.14 26.98
N LEU B 204 16.04 10.48 25.76
CA LEU B 204 15.44 11.77 25.50
C LEU B 204 14.17 11.96 26.24
N ILE B 205 13.36 10.91 26.35
CA ILE B 205 12.08 11.06 27.05
C ILE B 205 12.31 11.07 28.57
N GLN B 206 13.40 10.43 28.99
CA GLN B 206 13.81 10.41 30.41
C GLN B 206 14.04 11.86 30.82
N LYS B 207 14.71 12.64 29.96
CA LYS B 207 15.03 14.07 30.25
C LYS B 207 13.87 15.01 30.08
N GLY B 208 12.71 14.53 29.68
CA GLY B 208 11.55 15.41 29.66
C GLY B 208 11.41 16.27 28.39
N LEU B 209 12.12 15.89 27.32
CA LEU B 209 11.99 16.65 26.05
C LEU B 209 10.61 16.49 25.47
N THR B 210 10.01 17.59 25.02
CA THR B 210 8.71 17.57 24.35
C THR B 210 8.89 16.99 22.91
N PRO B 211 7.83 16.66 22.24
CA PRO B 211 7.90 16.24 20.82
C PRO B 211 8.76 17.20 19.92
N GLU B 212 8.56 18.53 20.03
CA GLU B 212 9.30 19.51 19.19
C GLU B 212 10.74 19.46 19.55
N GLU B 213 11.03 19.39 20.84
CA GLU B 213 12.40 19.26 21.25
C GLU B 213 13.02 18.01 20.81
N ILE B 214 12.28 16.89 20.87
CA ILE B 214 12.89 15.62 20.37
C ILE B 214 13.21 15.75 18.88
N LEU B 215 12.32 16.36 18.12
CA LEU B 215 12.59 16.47 16.67
C LEU B 215 13.87 17.32 16.44
N GLU B 216 13.97 18.43 17.17
CA GLU B 216 15.16 19.30 17.06
C GLU B 216 16.45 18.61 17.40
N GLU B 217 16.47 17.83 18.49
CA GLU B 217 17.67 17.12 18.83
C GLU B 217 18.04 16.11 17.81
N VAL B 218 17.07 15.28 17.44
CA VAL B 218 17.35 14.22 16.48
C VAL B 218 17.72 14.82 15.06
N LEU B 219 17.08 15.89 14.66
CA LEU B 219 17.30 16.54 13.32
C LEU B 219 18.52 17.48 13.20
N GLY B 220 18.96 18.06 14.33
CA GLY B 220 20.05 19.03 14.32
C GLY B 220 19.64 20.44 13.89
N GLU B 221 18.33 20.68 13.87
CA GLU B 221 17.74 21.95 13.47
C GLU B 221 16.31 21.97 14.02
N LYS B 222 15.78 23.16 14.27
CA LYS B 222 14.40 23.36 14.65
C LYS B 222 13.50 23.07 13.46
N PRO B 223 12.54 22.17 13.66
CA PRO B 223 11.61 21.81 12.58
C PRO B 223 10.52 22.86 12.36
N GLU B 224 10.05 23.00 11.13
CA GLU B 224 8.74 23.62 10.88
C GLU B 224 7.60 22.76 11.36
N ILE B 225 6.91 23.23 12.38
CA ILE B 225 5.72 22.56 12.87
C ILE B 225 4.54 22.89 12.01
N LEU B 226 3.98 21.89 11.35
CA LEU B 226 2.78 22.03 10.50
C LEU B 226 1.47 21.97 11.27
N GLU B 227 1.41 21.05 12.25
CA GLU B 227 0.18 20.83 13.01
C GLU B 227 0.56 20.24 14.40
N THR B 228 -0.17 20.62 15.46
CA THR B 228 -0.15 19.86 16.69
C THR B 228 -1.59 19.42 16.94
N MET B 229 -1.75 18.23 17.51
CA MET B 229 -3.07 17.73 17.86
C MET B 229 -2.98 16.95 19.19
N PRO B 230 -4.05 16.98 19.97
CA PRO B 230 -4.13 16.16 21.15
C PRO B 230 -4.41 14.70 20.68
N VAL B 231 -4.02 13.77 21.55
CA VAL B 231 -4.11 12.32 21.26
C VAL B 231 -4.69 11.68 22.51
N ARG B 232 -5.32 10.50 22.37
CA ARG B 232 -5.88 9.84 23.53
C ARG B 232 -6.12 8.37 23.25
N PHE B 233 -6.15 7.58 24.32
CA PHE B 233 -6.70 6.26 24.28
C PHE B 233 -8.15 6.41 24.13
N HIS B 234 -8.74 5.80 23.14
CA HIS B 234 -10.16 5.79 23.04
C HIS B 234 -10.74 4.55 22.39
N CYS B 235 -11.72 3.97 23.03
CA CYS B 235 -12.47 2.84 22.43
C CYS B 235 -13.99 3.08 22.48
N PRO B 236 -14.64 3.10 21.30
CA PRO B 236 -16.09 3.45 21.25
C PRO B 236 -17.04 2.31 21.55
N CYS B 237 -16.55 1.21 22.18
CA CYS B 237 -17.46 0.12 22.41
C CYS B 237 -18.59 0.59 23.38
N SER B 238 -19.70 -0.14 23.34
CA SER B 238 -20.86 0.11 24.20
C SER B 238 -21.64 -1.15 24.41
N LYS B 239 -22.53 -1.16 25.42
CA LYS B 239 -23.34 -2.36 25.70
C LYS B 239 -24.16 -2.75 24.49
N GLU B 240 -24.84 -1.75 23.93
CA GLU B 240 -25.63 -1.93 22.71
C GLU B 240 -24.57 -2.08 21.69
N ARG B 241 -24.37 -3.26 21.15
CA ARG B 241 -23.12 -3.55 20.37
C ARG B 241 -22.65 -4.87 20.80
N PHE B 242 -22.35 -4.99 22.09
CA PHE B 242 -22.19 -6.31 22.64
C PHE B 242 -23.47 -7.09 22.58
N GLU B 243 -24.62 -6.42 22.54
CA GLU B 243 -25.88 -7.13 22.27
C GLU B 243 -25.73 -8.04 21.06
N THR B 244 -25.12 -7.51 20.00
CA THR B 244 -24.97 -8.23 18.74
C THR B 244 -24.05 -9.44 18.92
N ALA B 245 -22.97 -9.28 19.68
CA ALA B 245 -22.19 -10.44 20.07
C ALA B 245 -23.14 -11.51 20.62
N ILE B 246 -23.93 -11.14 21.65
CA ILE B 246 -24.83 -12.07 22.36
C ILE B 246 -25.96 -12.56 21.47
N LEU B 247 -26.61 -11.65 20.74
CA LEU B 247 -27.55 -12.03 19.68
C LEU B 247 -26.94 -13.08 18.71
N GLY B 248 -25.66 -12.96 18.42
CA GLY B 248 -24.99 -13.83 17.45
C GLY B 248 -24.83 -15.26 17.94
N LEU B 249 -25.10 -15.45 19.23
CA LEU B 249 -25.08 -16.78 19.82
C LEU B 249 -26.46 -17.39 19.64
N GLY B 250 -27.51 -16.59 19.81
CA GLY B 250 -28.87 -17.00 19.48
C GLY B 250 -29.81 -17.01 20.67
N LYS B 251 -30.84 -17.86 20.58
CA LYS B 251 -31.88 -17.92 21.60
C LYS B 251 -31.68 -19.13 22.51
N LYS B 252 -30.90 -20.10 22.04
CA LYS B 252 -30.63 -21.30 22.84
C LYS B 252 -29.60 -20.99 23.92
N GLU B 253 -28.34 -20.83 23.51
CA GLU B 253 -27.26 -20.54 24.44
C GLU B 253 -27.62 -19.33 25.31
N ILE B 254 -28.58 -18.55 24.83
CA ILE B 254 -29.04 -17.37 25.56
C ILE B 254 -29.97 -17.80 26.69
N GLN B 255 -30.90 -18.71 26.37
CA GLN B 255 -31.81 -19.24 27.37
C GLN B 255 -31.02 -19.95 28.46
N ASP B 256 -29.86 -20.47 28.09
CA ASP B 256 -28.97 -21.11 29.05
C ASP B 256 -28.27 -20.04 29.89
N MET B 257 -27.01 -19.77 29.58
CA MET B 257 -26.27 -18.72 30.25
C MET B 257 -27.04 -18.25 31.48
N ILE B 258 -28.37 -18.22 31.35
CA ILE B 258 -29.23 -17.71 32.40
C ILE B 258 -29.77 -18.87 33.23
N GLU B 259 -31.00 -19.28 32.94
CA GLU B 259 -31.62 -20.41 33.63
C GLU B 259 -30.58 -21.11 34.50
N GLU B 260 -29.32 -20.72 34.35
CA GLU B 260 -28.23 -21.35 35.08
C GLU B 260 -27.52 -20.35 36.00
N ASP B 261 -27.53 -19.08 35.62
CA ASP B 261 -26.84 -18.05 36.40
C ASP B 261 -27.71 -16.81 36.58
N GLY B 262 -28.68 -16.62 35.69
CA GLY B 262 -29.51 -15.43 35.70
C GLY B 262 -28.79 -14.20 35.16
N GLN B 263 -27.72 -14.42 34.41
CA GLN B 263 -26.91 -13.33 33.82
C GLN B 263 -25.88 -13.83 32.77
N ALA B 264 -25.16 -12.89 32.16
CA ALA B 264 -24.02 -13.22 31.28
C ALA B 264 -23.09 -11.99 31.15
N GLU B 265 -21.85 -12.21 30.75
CA GLU B 265 -20.93 -11.10 30.58
C GLU B 265 -20.10 -11.26 29.31
N ALA B 266 -19.78 -10.13 28.73
CA ALA B 266 -18.84 -10.10 27.59
C ALA B 266 -17.87 -8.95 27.81
N VAL B 267 -16.68 -9.10 27.24
CA VAL B 267 -15.56 -8.22 27.47
C VAL B 267 -15.00 -7.72 26.15
N CYS B 268 -14.81 -6.40 26.09
CA CYS B 268 -14.09 -5.80 25.02
C CYS B 268 -12.61 -6.09 25.07
N HIS B 269 -12.11 -6.61 23.99
CA HIS B 269 -10.70 -7.03 23.98
C HIS B 269 -9.79 -5.81 23.89
N PHE B 270 -10.23 -4.74 23.27
CA PHE B 270 -9.35 -3.58 23.15
C PHE B 270 -9.20 -2.77 24.44
N CYS B 271 -10.26 -2.66 25.23
CA CYS B 271 -10.24 -1.71 26.39
C CYS B 271 -10.57 -2.38 27.68
N ASN B 272 -10.91 -3.67 27.59
CA ASN B 272 -11.24 -4.51 28.76
C ASN B 272 -12.43 -4.04 29.57
N GLU B 273 -13.32 -3.19 28.99
CA GLU B 273 -14.66 -3.01 29.61
C GLU B 273 -15.49 -4.27 29.56
N LYS B 274 -16.18 -4.52 30.66
CA LYS B 274 -16.98 -5.66 30.82
C LYS B 274 -18.41 -5.23 30.84
N TYR B 275 -19.23 -6.01 30.17
CA TYR B 275 -20.61 -5.74 29.99
C TYR B 275 -21.38 -6.89 30.60
N LEU B 276 -22.23 -6.52 31.56
CA LEU B 276 -23.08 -7.51 32.24
C LEU B 276 -24.53 -7.45 31.79
N PHE B 277 -25.05 -8.57 31.30
CA PHE B 277 -26.43 -8.65 30.90
C PHE B 277 -27.19 -9.37 31.99
N THR B 278 -28.13 -8.64 32.60
CA THR B 278 -29.00 -9.14 33.66
C THR B 278 -29.98 -10.09 33.05
N LYS B 279 -30.67 -10.82 33.91
CA LYS B 279 -31.76 -11.74 33.53
C LYS B 279 -32.84 -11.10 32.65
N GLU B 280 -33.37 -9.96 33.07
CA GLU B 280 -34.32 -9.18 32.25
C GLU B 280 -33.76 -8.84 30.87
N GLU B 281 -32.49 -8.41 30.82
CA GLU B 281 -31.85 -7.97 29.58
C GLU B 281 -31.70 -9.15 28.63
N LEU B 282 -31.28 -10.30 29.16
CA LEU B 282 -31.12 -11.50 28.36
C LEU B 282 -32.46 -11.99 27.80
N GLU B 283 -33.53 -11.80 28.58
CA GLU B 283 -34.87 -12.19 28.18
C GLU B 283 -35.35 -11.35 26.98
N GLY B 284 -34.99 -10.07 26.96
CA GLY B 284 -35.24 -9.20 25.83
C GLY B 284 -34.80 -9.64 24.43
N LEU B 285 -34.35 -10.90 24.28
CA LEU B 285 -34.20 -11.56 22.98
C LEU B 285 -34.81 -12.98 23.00
N ARG B 286 -34.28 -13.87 23.85
CA ARG B 286 -34.67 -15.28 23.86
C ARG B 286 -36.13 -15.50 23.48
ZN ZN C . 2.39 -15.44 -22.65
C ACT D . 8.46 -21.33 -27.77
O ACT D . 8.71 -21.73 -26.50
OXT ACT D . 7.58 -21.86 -28.44
CH3 ACT D . 9.04 -20.21 -28.59
C ACT E . -13.42 -2.75 -35.94
O ACT E . -14.24 -3.00 -35.04
OXT ACT E . -12.96 -1.56 -35.89
CH3 ACT E . -13.06 -3.81 -36.95
C ACT F . -5.70 -23.27 -23.63
O ACT F . -4.74 -23.44 -24.34
OXT ACT F . -5.47 -23.70 -22.47
CH3 ACT F . -6.94 -22.64 -24.21
C ACT G . 4.81 -24.47 -31.52
O ACT G . 5.81 -25.17 -31.90
OXT ACT G . 4.38 -24.72 -30.40
CH3 ACT G . 4.10 -23.42 -32.29
ZN ZN H . -13.64 -1.19 24.26
C ACT I . -14.53 -4.37 17.53
O ACT I . -13.36 -4.50 17.20
OXT ACT I . -14.88 -5.15 18.42
CH3 ACT I . -15.43 -3.40 16.87
C ACT J . 20.35 -9.92 25.02
O ACT J . 20.90 -8.95 24.51
OXT ACT J . 19.61 -10.53 24.23
CH3 ACT J . 20.53 -10.32 26.44
#